data_9MXG
#
_entry.id   9MXG
#
_cell.length_a   1.000
_cell.length_b   1.000
_cell.length_c   1.000
_cell.angle_alpha   90.00
_cell.angle_beta   90.00
_cell.angle_gamma   90.00
#
_symmetry.space_group_name_H-M   'P 1'
#
_entity_poly.entity_id   1
_entity_poly.type   'polypeptide(L)'
_entity_poly.pdbx_seq_one_letter_code
;CGDAVYTCRPGQTCCRGLHGYGCC
;
_entity_poly.pdbx_strand_id   A
#
# COMPACT_ATOMS: atom_id res chain seq x y z
N CYS A 1 -5.65 4.86 -0.49
CA CYS A 1 -4.28 5.01 -0.95
C CYS A 1 -4.22 5.16 -2.47
N GLY A 2 -4.55 6.36 -2.95
CA GLY A 2 -4.54 6.60 -4.38
C GLY A 2 -3.95 7.96 -4.72
N ASP A 3 -2.98 8.40 -3.92
CA ASP A 3 -2.34 9.69 -4.14
C ASP A 3 -1.19 9.56 -5.13
N ALA A 4 -0.41 8.50 -4.98
CA ALA A 4 0.73 8.25 -5.85
C ALA A 4 0.28 7.97 -7.28
N VAL A 5 1.20 7.51 -8.11
CA VAL A 5 0.90 7.21 -9.51
C VAL A 5 1.16 5.73 -9.81
N TYR A 6 1.01 4.89 -8.80
CA TYR A 6 1.23 3.46 -8.96
C TYR A 6 0.00 2.65 -8.54
N THR A 7 0.01 1.36 -8.82
CA THR A 7 -1.10 0.48 -8.47
C THR A 7 -0.62 -0.94 -8.20
N CYS A 8 -0.63 -1.33 -6.93
CA CYS A 8 -0.21 -2.67 -6.54
C CYS A 8 -1.06 -3.73 -7.21
N ARG A 9 -0.82 -4.99 -6.85
CA ARG A 9 -1.57 -6.11 -7.41
C ARG A 9 -2.98 -6.16 -6.85
N PRO A 10 -3.90 -6.74 -7.61
CA PRO A 10 -5.32 -6.87 -7.21
C PRO A 10 -5.51 -7.85 -6.06
N GLY A 11 -6.13 -7.40 -4.99
CA GLY A 11 -6.36 -8.25 -3.83
C GLY A 11 -5.53 -7.84 -2.64
N GLN A 12 -4.48 -7.07 -2.87
CA GLN A 12 -3.61 -6.61 -1.80
C GLN A 12 -4.29 -5.54 -0.96
N THR A 13 -3.83 -5.37 0.28
CA THR A 13 -4.39 -4.38 1.18
C THR A 13 -3.35 -3.35 1.61
N CYS A 14 -3.78 -2.11 1.72
CA CYS A 14 -2.87 -1.03 2.13
C CYS A 14 -2.44 -1.20 3.58
N CYS A 15 -1.23 -1.71 3.78
CA CYS A 15 -0.70 -1.92 5.12
C CYS A 15 0.59 -1.13 5.32
N ARG A 16 0.71 -0.49 6.48
CA ARG A 16 1.89 0.31 6.80
C ARG A 16 2.96 -0.56 7.46
N GLY A 17 4.22 -0.19 7.23
CA GLY A 17 5.32 -0.94 7.82
C GLY A 17 6.34 -0.04 8.49
N LEU A 18 7.49 -0.61 8.83
CA LEU A 18 8.55 0.14 9.49
C LEU A 18 9.19 1.14 8.53
N HIS A 19 9.51 0.67 7.33
CA HIS A 19 10.12 1.51 6.31
C HIS A 19 9.12 2.53 5.77
N GLY A 20 7.86 2.13 5.71
CA GLY A 20 6.82 3.01 5.20
C GLY A 20 5.63 2.25 4.65
N TYR A 21 4.93 2.87 3.70
CA TYR A 21 3.76 2.24 3.09
C TYR A 21 4.12 0.89 2.50
N GLY A 22 3.09 0.07 2.26
CA GLY A 22 3.31 -1.25 1.70
C GLY A 22 2.01 -1.95 1.34
N CYS A 23 2.09 -2.89 0.40
CA CYS A 23 0.91 -3.64 -0.03
C CYS A 23 0.99 -5.09 0.42
N CYS A 24 0.11 -5.48 1.33
CA CYS A 24 0.08 -6.84 1.84
C CYS A 24 -0.82 -7.72 0.99
N CYS A 1 -4.37 6.51 1.01
CA CYS A 1 -4.62 5.83 -0.26
C CYS A 1 -5.79 6.49 -1.00
N GLY A 2 -5.50 7.03 -2.19
CA GLY A 2 -6.53 7.68 -2.97
C GLY A 2 -6.00 8.83 -3.80
N ASP A 3 -5.58 9.89 -3.12
CA ASP A 3 -5.05 11.07 -3.80
C ASP A 3 -3.93 10.67 -4.76
N ALA A 4 -3.07 9.75 -4.33
CA ALA A 4 -1.96 9.29 -5.15
C ALA A 4 -2.48 8.65 -6.44
N VAL A 5 -1.55 8.11 -7.23
CA VAL A 5 -1.90 7.46 -8.48
C VAL A 5 -1.10 6.18 -8.69
N TYR A 6 -1.31 5.22 -7.80
CA TYR A 6 -0.61 3.94 -7.87
C TYR A 6 -1.60 2.78 -7.92
N THR A 7 -1.08 1.59 -8.18
CA THR A 7 -1.92 0.39 -8.27
C THR A 7 -1.14 -0.86 -7.86
N CYS A 8 -1.46 -1.39 -6.68
CA CYS A 8 -0.78 -2.58 -6.18
C CYS A 8 -1.37 -3.84 -6.80
N ARG A 9 -0.83 -4.99 -6.42
CA ARG A 9 -1.30 -6.27 -6.94
C ARG A 9 -2.78 -6.47 -6.62
N PRO A 10 -3.43 -7.37 -7.40
CA PRO A 10 -4.85 -7.67 -7.22
C PRO A 10 -5.12 -8.44 -5.94
N GLY A 11 -5.84 -7.82 -5.01
CA GLY A 11 -6.16 -8.46 -3.75
C GLY A 11 -5.45 -7.82 -2.58
N GLN A 12 -4.30 -7.20 -2.85
CA GLN A 12 -3.52 -6.55 -1.80
C GLN A 12 -4.17 -5.24 -1.37
N THR A 13 -4.06 -4.94 -0.08
CA THR A 13 -4.65 -3.72 0.46
C THR A 13 -3.59 -2.87 1.17
N CYS A 14 -3.91 -1.60 1.40
CA CYS A 14 -3.00 -0.69 2.07
C CYS A 14 -2.67 -1.18 3.47
N CYS A 15 -1.38 -1.40 3.74
CA CYS A 15 -0.94 -1.87 5.04
C CYS A 15 0.22 -1.03 5.56
N ARG A 16 0.72 -1.38 6.75
CA ARG A 16 1.83 -0.65 7.35
C ARG A 16 3.17 -1.22 6.89
N GLY A 17 4.15 -0.34 6.68
CA GLY A 17 5.46 -0.78 6.25
C GLY A 17 6.53 -0.54 7.30
N LEU A 18 7.61 -1.30 7.23
CA LEU A 18 8.71 -1.16 8.17
C LEU A 18 9.35 0.22 8.08
N HIS A 19 9.56 0.68 6.86
CA HIS A 19 10.17 1.99 6.62
C HIS A 19 9.09 3.07 6.53
N GLY A 20 7.95 2.70 5.97
CA GLY A 20 6.86 3.65 5.82
C GLY A 20 5.52 2.97 5.58
N TYR A 21 5.19 2.75 4.31
CA TYR A 21 3.94 2.11 3.95
C TYR A 21 4.16 1.02 2.90
N GLY A 22 3.09 0.33 2.54
CA GLY A 22 3.19 -0.73 1.56
C GLY A 22 1.87 -1.45 1.34
N CYS A 23 1.92 -2.59 0.66
CA CYS A 23 0.72 -3.37 0.39
C CYS A 23 0.85 -4.78 0.96
N CYS A 24 -0.23 -5.26 1.58
CA CYS A 24 -0.24 -6.59 2.18
C CYS A 24 -1.56 -7.30 1.89
N CYS A 1 -6.83 4.84 0.58
CA CYS A 1 -5.49 4.65 0.05
C CYS A 1 -5.28 5.45 -1.23
N GLY A 2 -4.72 6.66 -1.07
CA GLY A 2 -4.48 7.51 -2.21
C GLY A 2 -3.68 8.75 -1.85
N ASP A 3 -2.60 8.55 -1.11
CA ASP A 3 -1.75 9.67 -0.70
C ASP A 3 -0.78 10.05 -1.81
N ALA A 4 -0.28 9.06 -2.53
CA ALA A 4 0.65 9.29 -3.62
C ALA A 4 0.16 8.64 -4.92
N VAL A 5 0.86 8.92 -6.02
CA VAL A 5 0.49 8.36 -7.32
C VAL A 5 1.05 6.95 -7.48
N TYR A 6 0.51 6.01 -6.72
CA TYR A 6 0.95 4.62 -6.78
C TYR A 6 -0.20 3.69 -7.11
N THR A 7 0.11 2.44 -7.40
CA THR A 7 -0.90 1.43 -7.72
C THR A 7 -0.42 0.03 -7.38
N CYS A 8 -1.01 -0.54 -6.33
CA CYS A 8 -0.64 -1.89 -5.90
C CYS A 8 -1.35 -2.94 -6.75
N ARG A 9 -1.09 -4.21 -6.44
CA ARG A 9 -1.70 -5.32 -7.17
C ARG A 9 -3.14 -5.53 -6.72
N PRO A 10 -3.93 -6.19 -7.59
CA PRO A 10 -5.34 -6.47 -7.30
C PRO A 10 -5.51 -7.51 -6.20
N GLY A 11 -6.20 -7.13 -5.13
CA GLY A 11 -6.43 -8.04 -4.03
C GLY A 11 -5.60 -7.68 -2.81
N GLN A 12 -4.47 -7.02 -3.03
CA GLN A 12 -3.59 -6.63 -1.93
C GLN A 12 -4.18 -5.46 -1.16
N THR A 13 -3.89 -5.40 0.14
CA THR A 13 -4.39 -4.34 0.99
C THR A 13 -3.26 -3.46 1.50
N CYS A 14 -3.60 -2.22 1.86
CA CYS A 14 -2.61 -1.28 2.36
C CYS A 14 -2.14 -1.67 3.77
N CYS A 15 -0.85 -1.98 3.89
CA CYS A 15 -0.29 -2.37 5.18
C CYS A 15 0.67 -1.31 5.70
N ARG A 16 0.47 -0.91 6.95
CA ARG A 16 1.33 0.10 7.56
C ARG A 16 2.72 -0.44 7.85
N GLY A 17 3.73 0.14 7.21
CA GLY A 17 5.10 -0.31 7.41
C GLY A 17 5.95 0.72 8.14
N LEU A 18 7.02 0.26 8.75
CA LEU A 18 7.92 1.14 9.49
C LEU A 18 8.78 1.95 8.54
N HIS A 19 9.40 1.27 7.57
CA HIS A 19 10.26 1.93 6.59
C HIS A 19 9.43 2.75 5.61
N GLY A 20 8.23 2.26 5.30
CA GLY A 20 7.35 2.97 4.38
C GLY A 20 5.96 2.38 4.34
N TYR A 21 5.48 2.08 3.14
CA TYR A 21 4.15 1.51 2.97
C TYR A 21 4.19 0.29 2.05
N GLY A 22 3.73 -0.84 2.58
CA GLY A 22 3.72 -2.06 1.79
C GLY A 22 2.31 -2.57 1.52
N CYS A 23 2.21 -3.58 0.66
CA CYS A 23 0.92 -4.14 0.30
C CYS A 23 0.88 -5.64 0.62
N CYS A 24 -0.14 -6.06 1.36
CA CYS A 24 -0.29 -7.46 1.73
C CYS A 24 -1.43 -8.10 0.96
N CYS A 1 -5.55 5.69 3.82
CA CYS A 1 -4.71 5.23 2.72
C CYS A 1 -5.40 5.44 1.38
N GLY A 2 -4.62 5.75 0.35
CA GLY A 2 -5.17 5.97 -0.96
C GLY A 2 -5.07 7.43 -1.40
N ASP A 3 -3.99 8.08 -1.00
CA ASP A 3 -3.77 9.48 -1.36
C ASP A 3 -3.11 9.59 -2.74
N ALA A 4 -2.15 8.72 -3.00
CA ALA A 4 -1.44 8.72 -4.26
C ALA A 4 -2.19 7.92 -5.32
N VAL A 5 -1.62 7.84 -6.52
CA VAL A 5 -2.25 7.11 -7.61
C VAL A 5 -1.45 5.85 -7.96
N TYR A 6 -1.67 4.79 -7.20
CA TYR A 6 -0.96 3.53 -7.43
C TYR A 6 -1.95 2.41 -7.75
N THR A 7 -1.42 1.27 -8.18
CA THR A 7 -2.25 0.12 -8.53
C THR A 7 -1.49 -1.18 -8.35
N CYS A 8 -1.85 -1.94 -7.33
CA CYS A 8 -1.20 -3.21 -7.04
C CYS A 8 -2.11 -4.38 -7.40
N ARG A 9 -1.59 -5.60 -7.24
CA ARG A 9 -2.35 -6.80 -7.57
C ARG A 9 -3.69 -6.81 -6.81
N PRO A 10 -4.64 -7.62 -7.29
CA PRO A 10 -5.96 -7.74 -6.67
C PRO A 10 -5.91 -8.45 -5.32
N GLY A 11 -6.63 -7.90 -4.35
CA GLY A 11 -6.66 -8.49 -3.02
C GLY A 11 -5.62 -7.87 -2.10
N GLN A 12 -4.55 -7.35 -2.67
CA GLN A 12 -3.48 -6.74 -1.89
C GLN A 12 -3.80 -5.28 -1.58
N THR A 13 -3.65 -4.89 -0.33
CA THR A 13 -3.93 -3.52 0.09
C THR A 13 -2.77 -2.95 0.92
N CYS A 14 -2.58 -1.65 0.83
CA CYS A 14 -1.51 -0.98 1.57
C CYS A 14 -1.64 -1.26 3.08
N CYS A 15 -0.56 -1.77 3.66
CA CYS A 15 -0.54 -2.08 5.09
C CYS A 15 0.42 -1.15 5.84
N ARG A 16 0.66 -1.47 7.11
CA ARG A 16 1.56 -0.66 7.93
C ARG A 16 2.97 -1.25 7.91
N GLY A 17 3.91 -0.49 7.35
CA GLY A 17 5.29 -0.95 7.28
C GLY A 17 6.19 -0.22 8.25
N LEU A 18 7.22 -0.90 8.73
CA LEU A 18 8.17 -0.31 9.67
C LEU A 18 8.91 0.86 9.04
N HIS A 19 9.28 0.71 7.77
CA HIS A 19 9.99 1.75 7.04
C HIS A 19 9.02 2.83 6.56
N GLY A 20 7.81 2.41 6.21
CA GLY A 20 6.81 3.35 5.73
C GLY A 20 5.50 2.69 5.37
N TYR A 21 5.22 2.57 4.08
CA TYR A 21 4.00 1.95 3.61
C TYR A 21 4.28 1.01 2.44
N GLY A 22 3.22 0.44 1.87
CA GLY A 22 3.37 -0.47 0.76
C GLY A 22 2.24 -1.48 0.68
N CYS A 23 1.95 -1.95 -0.53
CA CYS A 23 0.89 -2.92 -0.75
C CYS A 23 1.21 -4.24 -0.06
N CYS A 24 0.22 -4.82 0.60
CA CYS A 24 0.40 -6.08 1.30
C CYS A 24 -0.82 -6.99 1.11
N CYS A 1 -3.88 4.75 1.80
CA CYS A 1 -5.27 4.63 1.41
C CYS A 1 -6.00 5.96 1.58
N GLY A 2 -6.38 6.57 0.46
CA GLY A 2 -7.06 7.84 0.51
C GLY A 2 -6.46 8.88 -0.41
N ASP A 3 -5.65 9.77 0.16
CA ASP A 3 -5.01 10.81 -0.64
C ASP A 3 -4.09 10.21 -1.70
N ALA A 4 -3.44 9.10 -1.35
CA ALA A 4 -2.54 8.43 -2.27
C ALA A 4 -3.23 8.11 -3.60
N VAL A 5 -2.45 8.02 -4.66
CA VAL A 5 -2.99 7.73 -5.99
C VAL A 5 -2.30 6.51 -6.60
N TYR A 6 -2.00 5.53 -5.76
CA TYR A 6 -1.33 4.31 -6.23
C TYR A 6 -2.27 3.10 -6.12
N THR A 7 -1.85 1.99 -6.70
CA THR A 7 -2.65 0.76 -6.66
C THR A 7 -1.76 -0.47 -6.75
N CYS A 8 -1.64 -1.19 -5.64
CA CYS A 8 -0.82 -2.39 -5.59
C CYS A 8 -1.49 -3.54 -6.34
N ARG A 9 -0.87 -4.71 -6.29
CA ARG A 9 -1.41 -5.89 -6.97
C ARG A 9 -2.87 -6.12 -6.58
N PRO A 10 -3.61 -6.83 -7.43
CA PRO A 10 -5.02 -7.14 -7.20
C PRO A 10 -5.21 -8.13 -6.06
N GLY A 11 -5.99 -7.73 -5.05
CA GLY A 11 -6.24 -8.60 -3.92
C GLY A 11 -5.59 -8.11 -2.65
N GLN A 12 -4.50 -7.36 -2.80
CA GLN A 12 -3.77 -6.82 -1.66
C GLN A 12 -4.37 -5.50 -1.21
N THR A 13 -3.85 -4.96 -0.10
CA THR A 13 -4.35 -3.69 0.43
C THR A 13 -3.24 -2.94 1.15
N CYS A 14 -3.42 -1.63 1.31
CA CYS A 14 -2.44 -0.79 1.98
C CYS A 14 -2.17 -1.28 3.40
N CYS A 15 -0.90 -1.32 3.78
CA CYS A 15 -0.52 -1.77 5.12
C CYS A 15 0.71 -1.00 5.60
N ARG A 16 0.76 -0.75 6.91
CA ARG A 16 1.88 -0.05 7.51
C ARG A 16 3.17 -0.84 7.39
N GLY A 17 4.18 -0.25 6.75
CA GLY A 17 5.45 -0.92 6.58
C GLY A 17 6.53 -0.36 7.48
N LEU A 18 7.55 -1.16 7.74
CA LEU A 18 8.66 -0.73 8.60
C LEU A 18 9.24 0.59 8.11
N HIS A 19 9.26 0.78 6.79
CA HIS A 19 9.78 2.01 6.21
C HIS A 19 8.70 3.08 6.12
N GLY A 20 7.46 2.64 5.91
CA GLY A 20 6.35 3.57 5.80
C GLY A 20 5.07 2.89 5.36
N TYR A 21 4.99 2.57 4.08
CA TYR A 21 3.80 1.91 3.52
C TYR A 21 4.16 0.56 2.90
N GLY A 22 3.14 -0.23 2.59
CA GLY A 22 3.36 -1.52 1.99
C GLY A 22 2.10 -2.12 1.41
N CYS A 23 2.25 -3.16 0.59
CA CYS A 23 1.12 -3.82 -0.03
C CYS A 23 0.88 -5.19 0.59
N CYS A 24 -0.10 -5.28 1.48
CA CYS A 24 -0.42 -6.52 2.15
C CYS A 24 -1.86 -6.94 1.85
N CYS A 1 -5.00 4.60 4.79
CA CYS A 1 -4.93 4.36 3.35
C CYS A 1 -6.23 4.75 2.66
N GLY A 2 -6.14 5.22 1.42
CA GLY A 2 -7.32 5.60 0.68
C GLY A 2 -7.17 6.96 0.02
N ASP A 3 -6.84 7.97 0.82
CA ASP A 3 -6.67 9.32 0.30
C ASP A 3 -5.40 9.42 -0.54
N ALA A 4 -4.33 8.78 -0.08
CA ALA A 4 -3.07 8.80 -0.80
C ALA A 4 -3.22 8.23 -2.20
N VAL A 5 -2.13 8.23 -2.96
CA VAL A 5 -2.14 7.72 -4.32
C VAL A 5 -1.21 6.52 -4.47
N TYR A 6 -1.71 5.34 -4.13
CA TYR A 6 -0.92 4.12 -4.22
C TYR A 6 -1.50 3.17 -5.26
N THR A 7 -0.73 2.15 -5.62
CA THR A 7 -1.17 1.17 -6.61
C THR A 7 -0.46 -0.17 -6.41
N CYS A 8 -1.19 -1.16 -5.93
CA CYS A 8 -0.63 -2.49 -5.71
C CYS A 8 -1.40 -3.54 -6.49
N ARG A 9 -0.85 -4.76 -6.54
CA ARG A 9 -1.48 -5.86 -7.25
C ARG A 9 -2.94 -6.02 -6.84
N PRO A 10 -3.74 -6.64 -7.71
CA PRO A 10 -5.17 -6.86 -7.46
C PRO A 10 -5.40 -7.90 -6.38
N GLY A 11 -6.12 -7.51 -5.32
CA GLY A 11 -6.40 -8.42 -4.23
C GLY A 11 -5.65 -8.05 -2.96
N GLN A 12 -4.52 -7.39 -3.11
CA GLN A 12 -3.71 -6.98 -1.97
C GLN A 12 -4.28 -5.71 -1.33
N THR A 13 -4.12 -5.61 -0.01
CA THR A 13 -4.61 -4.45 0.72
C THR A 13 -3.46 -3.56 1.18
N CYS A 14 -3.79 -2.32 1.58
CA CYS A 14 -2.80 -1.38 2.05
C CYS A 14 -2.53 -1.56 3.53
N CYS A 15 -1.25 -1.70 3.88
CA CYS A 15 -0.86 -1.89 5.28
C CYS A 15 0.28 -0.95 5.65
N ARG A 16 0.56 -0.84 6.95
CA ARG A 16 1.63 0.03 7.43
C ARG A 16 2.99 -0.68 7.36
N GLY A 17 3.91 -0.10 6.61
CA GLY A 17 5.23 -0.70 6.47
C GLY A 17 6.18 -0.25 7.56
N LEU A 18 7.31 -0.94 7.68
CA LEU A 18 8.31 -0.61 8.69
C LEU A 18 9.07 0.65 8.30
N HIS A 19 9.60 0.66 7.08
CA HIS A 19 10.36 1.80 6.59
C HIS A 19 9.43 2.93 6.17
N GLY A 20 8.26 2.58 5.66
CA GLY A 20 7.30 3.58 5.24
C GLY A 20 5.92 2.99 4.99
N TYR A 21 5.56 2.88 3.72
CA TYR A 21 4.26 2.33 3.33
C TYR A 21 4.43 1.05 2.52
N GLY A 22 3.36 0.26 2.47
CA GLY A 22 3.40 -0.99 1.73
C GLY A 22 2.05 -1.68 1.66
N CYS A 23 1.99 -2.80 0.97
CA CYS A 23 0.74 -3.55 0.83
C CYS A 23 0.90 -4.96 1.39
N CYS A 24 -0.12 -5.40 2.13
CA CYS A 24 -0.11 -6.73 2.73
C CYS A 24 -1.32 -7.54 2.27
N CYS A 1 -8.43 3.53 2.26
CA CYS A 1 -7.28 3.97 1.47
C CYS A 1 -7.68 5.10 0.52
N GLY A 2 -8.57 5.97 0.98
CA GLY A 2 -9.01 7.08 0.15
C GLY A 2 -8.03 8.22 0.14
N ASP A 3 -7.70 8.74 1.32
CA ASP A 3 -6.77 9.85 1.44
C ASP A 3 -5.47 9.55 0.70
N ALA A 4 -5.05 8.29 0.75
CA ALA A 4 -3.82 7.87 0.09
C ALA A 4 -3.86 8.20 -1.40
N VAL A 5 -2.75 7.97 -2.09
CA VAL A 5 -2.65 8.25 -3.52
C VAL A 5 -1.82 7.18 -4.22
N TYR A 6 -1.96 5.94 -3.78
CA TYR A 6 -1.21 4.84 -4.37
C TYR A 6 -2.15 3.73 -4.85
N THR A 7 -1.60 2.77 -5.58
CA THR A 7 -2.40 1.66 -6.11
C THR A 7 -1.54 0.40 -6.27
N CYS A 8 -1.76 -0.57 -5.40
CA CYS A 8 -1.02 -1.83 -5.45
C CYS A 8 -1.70 -2.82 -6.37
N ARG A 9 -1.22 -4.07 -6.36
CA ARG A 9 -1.79 -5.12 -7.19
C ARG A 9 -3.18 -5.49 -6.72
N PRO A 10 -3.96 -6.13 -7.61
CA PRO A 10 -5.33 -6.56 -7.31
C PRO A 10 -5.38 -7.69 -6.30
N GLY A 11 -6.08 -7.47 -5.19
CA GLY A 11 -6.19 -8.49 -4.16
C GLY A 11 -5.44 -8.11 -2.90
N GLN A 12 -4.40 -7.30 -3.04
CA GLN A 12 -3.60 -6.87 -1.90
C GLN A 12 -4.35 -5.83 -1.07
N THR A 13 -3.82 -5.53 0.12
CA THR A 13 -4.44 -4.55 1.00
C THR A 13 -3.43 -3.50 1.46
N CYS A 14 -3.93 -2.38 1.95
CA CYS A 14 -3.07 -1.29 2.42
C CYS A 14 -2.51 -1.61 3.80
N CYS A 15 -1.18 -1.71 3.88
CA CYS A 15 -0.52 -2.01 5.15
C CYS A 15 0.58 -0.98 5.43
N ARG A 16 0.65 -0.53 6.69
CA ARG A 16 1.65 0.45 7.09
C ARG A 16 2.88 -0.25 7.67
N GLY A 17 4.06 0.26 7.32
CA GLY A 17 5.29 -0.34 7.82
C GLY A 17 6.25 0.71 8.35
N LEU A 18 7.23 0.27 9.12
CA LEU A 18 8.22 1.17 9.70
C LEU A 18 9.10 1.79 8.61
N HIS A 19 9.46 0.97 7.63
CA HIS A 19 10.30 1.44 6.52
C HIS A 19 9.49 2.26 5.54
N GLY A 20 8.21 1.90 5.37
CA GLY A 20 7.35 2.62 4.46
C GLY A 20 6.05 1.89 4.20
N TYR A 21 5.30 2.36 3.21
CA TYR A 21 4.02 1.74 2.86
C TYR A 21 4.23 0.34 2.29
N GLY A 22 3.34 -0.58 2.65
CA GLY A 22 3.44 -1.94 2.16
C GLY A 22 2.12 -2.48 1.66
N CYS A 23 2.18 -3.30 0.62
CA CYS A 23 0.97 -3.88 0.03
C CYS A 23 0.83 -5.35 0.42
N CYS A 24 -0.11 -5.63 1.31
CA CYS A 24 -0.36 -6.98 1.78
C CYS A 24 -1.13 -7.78 0.73
N CYS A 1 -5.89 3.42 2.78
CA CYS A 1 -4.75 4.15 2.22
C CYS A 1 -5.23 5.19 1.21
N GLY A 2 -5.04 6.46 1.54
CA GLY A 2 -5.45 7.53 0.65
C GLY A 2 -4.33 8.53 0.40
N ASP A 3 -3.73 9.03 1.48
CA ASP A 3 -2.65 9.99 1.37
C ASP A 3 -1.56 9.48 0.43
N ALA A 4 -1.31 8.18 0.47
CA ALA A 4 -0.29 7.56 -0.38
C ALA A 4 -0.56 7.87 -1.85
N VAL A 5 0.35 7.41 -2.71
CA VAL A 5 0.22 7.63 -4.14
C VAL A 5 0.70 6.42 -4.94
N TYR A 6 0.44 5.23 -4.40
CA TYR A 6 0.83 4.00 -5.05
C TYR A 6 -0.37 3.08 -5.26
N THR A 7 -0.16 2.01 -6.02
CA THR A 7 -1.23 1.05 -6.31
C THR A 7 -0.67 -0.34 -6.56
N CYS A 8 -0.88 -1.24 -5.60
CA CYS A 8 -0.40 -2.61 -5.72
C CYS A 8 -1.36 -3.46 -6.53
N ARG A 9 -1.00 -4.72 -6.74
CA ARG A 9 -1.84 -5.64 -7.51
C ARG A 9 -3.26 -5.65 -6.98
N PRO A 10 -4.21 -6.05 -7.84
CA PRO A 10 -5.64 -6.11 -7.47
C PRO A 10 -5.93 -7.22 -6.48
N GLY A 11 -6.53 -6.85 -5.35
CA GLY A 11 -6.86 -7.84 -4.33
C GLY A 11 -6.03 -7.68 -3.08
N GLN A 12 -4.82 -7.13 -3.24
CA GLN A 12 -3.91 -6.93 -2.11
C GLN A 12 -4.38 -5.76 -1.26
N THR A 13 -4.17 -5.88 0.05
CA THR A 13 -4.56 -4.84 0.99
C THR A 13 -3.40 -3.88 1.27
N CYS A 14 -3.73 -2.70 1.79
CA CYS A 14 -2.72 -1.70 2.11
C CYS A 14 -2.17 -1.90 3.52
N CYS A 15 -0.88 -2.19 3.61
CA CYS A 15 -0.23 -2.40 4.90
C CYS A 15 0.72 -1.27 5.22
N ARG A 16 0.83 -0.93 6.50
CA ARG A 16 1.71 0.14 6.95
C ARG A 16 3.06 -0.41 7.38
N GLY A 17 4.13 0.25 6.94
CA GLY A 17 5.47 -0.19 7.29
C GLY A 17 6.19 0.78 8.20
N LEU A 18 7.27 0.33 8.82
CA LEU A 18 8.04 1.18 9.73
C LEU A 18 8.83 2.22 8.95
N HIS A 19 9.59 1.77 7.96
CA HIS A 19 10.39 2.67 7.13
C HIS A 19 9.52 3.38 6.10
N GLY A 20 8.50 2.68 5.62
CA GLY A 20 7.61 3.26 4.63
C GLY A 20 6.24 2.61 4.63
N TYR A 21 5.87 2.02 3.50
CA TYR A 21 4.56 1.37 3.38
C TYR A 21 4.67 0.11 2.53
N GLY A 22 3.62 -0.71 2.56
CA GLY A 22 3.62 -1.95 1.80
C GLY A 22 2.21 -2.46 1.54
N CYS A 23 2.12 -3.64 0.93
CA CYS A 23 0.83 -4.24 0.63
C CYS A 23 0.79 -5.70 1.05
N CYS A 24 -0.28 -6.09 1.74
CA CYS A 24 -0.44 -7.47 2.21
C CYS A 24 -1.54 -8.18 1.44
N CYS A 1 -6.54 4.89 1.10
CA CYS A 1 -5.55 4.65 0.05
C CYS A 1 -5.87 5.46 -1.20
N GLY A 2 -6.37 6.67 -0.99
CA GLY A 2 -6.71 7.53 -2.12
C GLY A 2 -5.83 8.76 -2.19
N ASP A 3 -5.52 9.33 -1.02
CA ASP A 3 -4.69 10.53 -0.96
C ASP A 3 -3.35 10.29 -1.66
N ALA A 4 -2.79 9.11 -1.49
CA ALA A 4 -1.52 8.75 -2.09
C ALA A 4 -1.64 8.68 -3.61
N VAL A 5 -0.60 8.17 -4.26
CA VAL A 5 -0.59 8.05 -5.71
C VAL A 5 0.00 6.71 -6.14
N TYR A 6 -0.18 5.70 -5.31
CA TYR A 6 0.32 4.36 -5.61
C TYR A 6 -0.79 3.33 -5.60
N THR A 7 -0.56 2.19 -6.24
CA THR A 7 -1.54 1.13 -6.31
C THR A 7 -0.88 -0.23 -6.52
N CYS A 8 -0.89 -1.06 -5.47
CA CYS A 8 -0.30 -2.38 -5.53
C CYS A 8 -1.11 -3.31 -6.43
N ARG A 9 -0.76 -4.59 -6.42
CA ARG A 9 -1.46 -5.57 -7.23
C ARG A 9 -2.92 -5.71 -6.79
N PRO A 10 -3.76 -6.25 -7.68
CA PRO A 10 -5.18 -6.46 -7.41
C PRO A 10 -5.43 -7.53 -6.37
N GLY A 11 -6.13 -7.17 -5.30
CA GLY A 11 -6.43 -8.12 -4.24
C GLY A 11 -5.68 -7.81 -2.96
N GLN A 12 -4.53 -7.15 -3.09
CA GLN A 12 -3.72 -6.81 -1.94
C GLN A 12 -4.32 -5.61 -1.19
N THR A 13 -4.13 -5.59 0.13
CA THR A 13 -4.65 -4.51 0.96
C THR A 13 -3.53 -3.61 1.45
N CYS A 14 -3.88 -2.38 1.79
CA CYS A 14 -2.92 -1.40 2.27
C CYS A 14 -2.45 -1.76 3.69
N CYS A 15 -1.13 -1.76 3.89
CA CYS A 15 -0.56 -2.07 5.19
C CYS A 15 0.53 -1.08 5.56
N ARG A 16 0.57 -0.71 6.84
CA ARG A 16 1.57 0.24 7.33
C ARG A 16 2.96 -0.41 7.37
N GLY A 17 3.91 0.20 6.68
CA GLY A 17 5.26 -0.32 6.66
C GLY A 17 6.14 0.31 7.70
N LEU A 18 7.23 -0.38 8.07
CA LEU A 18 8.16 0.13 9.06
C LEU A 18 8.98 1.29 8.51
N HIS A 19 9.52 1.10 7.32
CA HIS A 19 10.33 2.13 6.67
C HIS A 19 9.44 3.17 5.98
N GLY A 20 8.31 2.71 5.46
CA GLY A 20 7.39 3.60 4.78
C GLY A 20 6.00 3.03 4.66
N TYR A 21 5.73 2.33 3.55
CA TYR A 21 4.43 1.74 3.31
C TYR A 21 4.57 0.39 2.61
N GLY A 22 3.49 -0.39 2.62
CA GLY A 22 3.52 -1.69 1.99
C GLY A 22 2.12 -2.24 1.73
N CYS A 23 2.06 -3.44 1.17
CA CYS A 23 0.78 -4.08 0.88
C CYS A 23 0.79 -5.54 1.29
N CYS A 24 -0.39 -6.07 1.62
CA CYS A 24 -0.51 -7.46 2.03
C CYS A 24 -1.47 -8.22 1.12
N CYS A 1 -8.97 2.67 2.39
CA CYS A 1 -7.74 3.46 2.37
C CYS A 1 -7.51 4.07 0.99
N GLY A 2 -7.78 5.36 0.87
CA GLY A 2 -7.59 6.04 -0.41
C GLY A 2 -6.90 7.38 -0.26
N ASP A 3 -6.00 7.47 0.72
CA ASP A 3 -5.26 8.71 0.97
C ASP A 3 -4.01 8.79 0.10
N ALA A 4 -3.35 7.65 -0.07
CA ALA A 4 -2.14 7.59 -0.89
C ALA A 4 -2.45 7.92 -2.35
N VAL A 5 -1.47 7.69 -3.22
CA VAL A 5 -1.63 7.96 -4.64
C VAL A 5 -1.06 6.84 -5.49
N TYR A 6 -1.08 5.62 -4.94
CA TYR A 6 -0.57 4.46 -5.65
C TYR A 6 -1.63 3.36 -5.76
N THR A 7 -1.33 2.33 -6.54
CA THR A 7 -2.26 1.23 -6.74
C THR A 7 -1.51 -0.08 -6.97
N CYS A 8 -1.54 -0.96 -5.98
CA CYS A 8 -0.85 -2.25 -6.08
C CYS A 8 -1.71 -3.25 -6.86
N ARG A 9 -1.28 -4.50 -6.86
CA ARG A 9 -2.00 -5.56 -7.57
C ARG A 9 -3.38 -5.79 -6.94
N PRO A 10 -4.28 -6.41 -7.72
CA PRO A 10 -5.64 -6.71 -7.25
C PRO A 10 -5.67 -7.79 -6.18
N GLY A 11 -6.31 -7.47 -5.05
CA GLY A 11 -6.39 -8.42 -3.96
C GLY A 11 -5.58 -7.99 -2.75
N GLN A 12 -4.53 -7.22 -3.00
CA GLN A 12 -3.65 -6.75 -1.93
C GLN A 12 -4.33 -5.64 -1.12
N THR A 13 -3.95 -5.53 0.14
CA THR A 13 -4.52 -4.51 1.02
C THR A 13 -3.46 -3.53 1.50
N CYS A 14 -3.90 -2.42 2.06
CA CYS A 14 -2.98 -1.39 2.55
C CYS A 14 -2.25 -1.87 3.81
N CYS A 15 -0.92 -1.81 3.77
CA CYS A 15 -0.11 -2.24 4.90
C CYS A 15 0.80 -1.12 5.37
N ARG A 16 0.77 -0.85 6.68
CA ARG A 16 1.59 0.21 7.27
C ARG A 16 2.89 -0.35 7.80
N GLY A 17 4.00 0.13 7.23
CA GLY A 17 5.31 -0.34 7.66
C GLY A 17 6.12 0.74 8.35
N LEU A 18 7.04 0.33 9.21
CA LEU A 18 7.88 1.28 9.94
C LEU A 18 8.83 2.01 8.99
N HIS A 19 9.49 1.26 8.13
CA HIS A 19 10.43 1.83 7.16
C HIS A 19 9.67 2.59 6.08
N GLY A 20 8.49 2.10 5.72
CA GLY A 20 7.70 2.75 4.69
C GLY A 20 6.35 2.08 4.49
N TYR A 21 5.73 2.33 3.35
CA TYR A 21 4.43 1.76 3.05
C TYR A 21 4.57 0.48 2.23
N GLY A 22 3.48 -0.26 2.10
CA GLY A 22 3.50 -1.50 1.34
C GLY A 22 2.12 -2.12 1.20
N CYS A 23 2.01 -3.12 0.33
CA CYS A 23 0.74 -3.81 0.10
C CYS A 23 0.86 -5.29 0.41
N CYS A 24 -0.21 -5.86 0.95
CA CYS A 24 -0.22 -7.27 1.30
C CYS A 24 -1.42 -7.98 0.68
N CYS A 1 -3.34 6.70 0.87
CA CYS A 1 -2.77 5.73 -0.06
C CYS A 1 -3.05 6.15 -1.51
N GLY A 2 -3.02 7.46 -1.75
CA GLY A 2 -3.27 7.97 -3.09
C GLY A 2 -2.43 9.18 -3.42
N ASP A 3 -1.18 9.17 -2.96
CA ASP A 3 -0.27 10.27 -3.21
C ASP A 3 0.36 10.16 -4.60
N ALA A 4 0.73 8.95 -4.98
CA ALA A 4 1.33 8.70 -6.29
C ALA A 4 0.40 7.90 -7.18
N VAL A 5 0.85 7.61 -8.40
CA VAL A 5 0.05 6.85 -9.35
C VAL A 5 0.44 5.38 -9.34
N TYR A 6 0.86 4.90 -8.17
CA TYR A 6 1.27 3.50 -8.03
C TYR A 6 0.05 2.58 -8.06
N THR A 7 0.31 1.28 -8.22
CA THR A 7 -0.75 0.29 -8.28
C THR A 7 -0.26 -1.08 -7.83
N CYS A 8 -0.68 -1.50 -6.65
CA CYS A 8 -0.28 -2.79 -6.10
C CYS A 8 -1.03 -3.93 -6.79
N ARG A 9 -0.60 -5.17 -6.53
CA ARG A 9 -1.23 -6.34 -7.13
C ARG A 9 -2.68 -6.46 -6.67
N PRO A 10 -3.48 -7.21 -7.44
CA PRO A 10 -4.89 -7.44 -7.14
C PRO A 10 -5.08 -8.33 -5.91
N GLY A 11 -5.87 -7.85 -4.96
CA GLY A 11 -6.13 -8.61 -3.75
C GLY A 11 -5.44 -8.02 -2.53
N GLN A 12 -4.34 -7.31 -2.76
CA GLN A 12 -3.59 -6.69 -1.68
C GLN A 12 -4.28 -5.43 -1.19
N THR A 13 -4.01 -5.06 0.06
CA THR A 13 -4.61 -3.87 0.66
C THR A 13 -3.55 -3.00 1.32
N CYS A 14 -3.79 -1.69 1.31
CA CYS A 14 -2.86 -0.73 1.90
C CYS A 14 -2.60 -1.08 3.36
N CYS A 15 -1.33 -1.35 3.69
CA CYS A 15 -0.94 -1.69 5.05
C CYS A 15 0.23 -0.84 5.50
N ARG A 16 0.76 -1.16 6.68
CA ARG A 16 1.90 -0.42 7.24
C ARG A 16 3.20 -1.11 6.88
N GLY A 17 4.21 -0.33 6.51
CA GLY A 17 5.50 -0.88 6.15
C GLY A 17 6.55 -0.60 7.21
N LEU A 18 7.52 -1.50 7.32
CA LEU A 18 8.60 -1.35 8.30
C LEU A 18 9.31 -0.02 8.12
N HIS A 19 9.45 0.41 6.86
CA HIS A 19 10.11 1.68 6.56
C HIS A 19 9.09 2.81 6.48
N GLY A 20 7.89 2.49 6.01
CA GLY A 20 6.86 3.50 5.89
C GLY A 20 5.49 2.90 5.60
N TYR A 21 5.11 2.87 4.33
CA TYR A 21 3.83 2.32 3.93
C TYR A 21 4.00 1.34 2.76
N GLY A 22 2.92 0.61 2.45
CA GLY A 22 2.97 -0.36 1.37
C GLY A 22 1.68 -1.14 1.24
N CYS A 23 1.80 -2.37 0.74
CA CYS A 23 0.63 -3.23 0.57
C CYS A 23 0.88 -4.61 1.15
N CYS A 24 -0.17 -5.22 1.70
CA CYS A 24 -0.07 -6.54 2.31
C CYS A 24 -1.15 -7.47 1.76
N CYS A 1 -1.53 5.32 4.51
CA CYS A 1 -1.32 5.48 3.08
C CYS A 1 -2.40 6.36 2.46
N GLY A 2 -1.97 7.41 1.76
CA GLY A 2 -2.92 8.31 1.14
C GLY A 2 -2.23 9.50 0.48
N ASP A 3 -1.14 9.95 1.07
CA ASP A 3 -0.40 11.09 0.52
C ASP A 3 -0.05 10.86 -0.94
N ALA A 4 0.35 9.64 -1.27
CA ALA A 4 0.71 9.28 -2.64
C ALA A 4 -0.45 8.60 -3.35
N VAL A 5 -0.44 8.64 -4.68
CA VAL A 5 -1.49 8.02 -5.47
C VAL A 5 -1.04 6.67 -6.00
N TYR A 6 -0.20 5.99 -5.25
CA TYR A 6 0.31 4.68 -5.64
C TYR A 6 -0.84 3.72 -5.93
N THR A 7 -0.50 2.56 -6.49
CA THR A 7 -1.50 1.56 -6.82
C THR A 7 -0.91 0.16 -6.79
N CYS A 8 -1.28 -0.61 -5.77
CA CYS A 8 -0.78 -1.98 -5.62
C CYS A 8 -1.58 -2.95 -6.49
N ARG A 9 -1.20 -4.22 -6.46
CA ARG A 9 -1.87 -5.25 -7.23
C ARG A 9 -3.30 -5.47 -6.72
N PRO A 10 -4.18 -5.94 -7.61
CA PRO A 10 -5.58 -6.20 -7.27
C PRO A 10 -5.73 -7.40 -6.34
N GLY A 11 -6.43 -7.20 -5.23
CA GLY A 11 -6.64 -8.27 -4.27
C GLY A 11 -5.88 -8.05 -2.98
N GLN A 12 -4.79 -7.31 -3.05
CA GLN A 12 -3.98 -7.03 -1.87
C GLN A 12 -4.54 -5.83 -1.10
N THR A 13 -3.92 -5.53 0.04
CA THR A 13 -4.35 -4.41 0.86
C THR A 13 -3.17 -3.54 1.28
N CYS A 14 -3.46 -2.36 1.79
CA CYS A 14 -2.44 -1.43 2.24
C CYS A 14 -1.92 -1.81 3.62
N CYS A 15 -0.60 -1.82 3.78
CA CYS A 15 0.02 -2.17 5.05
C CYS A 15 0.93 -1.05 5.53
N ARG A 16 0.80 -0.70 6.81
CA ARG A 16 1.61 0.37 7.40
C ARG A 16 2.89 -0.20 8.00
N GLY A 17 4.02 0.42 7.67
CA GLY A 17 5.29 -0.04 8.19
C GLY A 17 6.13 1.10 8.75
N LEU A 18 7.27 0.77 9.34
CA LEU A 18 8.17 1.76 9.91
C LEU A 18 9.01 2.43 8.82
N HIS A 19 9.43 1.65 7.85
CA HIS A 19 10.24 2.16 6.74
C HIS A 19 9.36 2.67 5.61
N GLY A 20 8.23 2.02 5.42
CA GLY A 20 7.30 2.42 4.37
C GLY A 20 6.11 1.48 4.26
N TYR A 21 5.11 1.89 3.47
CA TYR A 21 3.91 1.09 3.28
C TYR A 21 4.21 -0.14 2.44
N GLY A 22 3.34 -1.14 2.53
CA GLY A 22 3.52 -2.35 1.75
C GLY A 22 2.21 -2.89 1.20
N CYS A 23 2.30 -3.67 0.13
CA CYS A 23 1.13 -4.25 -0.50
C CYS A 23 0.86 -5.65 0.03
N CYS A 24 0.07 -5.74 1.10
CA CYS A 24 -0.26 -7.02 1.69
C CYS A 24 -1.42 -7.69 0.96
N CYS A 1 0.84 5.25 0.98
CA CYS A 1 -0.26 5.22 0.03
C CYS A 1 -0.81 6.63 -0.20
N GLY A 2 -0.49 7.20 -1.37
CA GLY A 2 -0.95 8.54 -1.69
C GLY A 2 -2.46 8.63 -1.71
N ASP A 3 -2.97 9.76 -2.19
CA ASP A 3 -4.41 9.97 -2.26
C ASP A 3 -4.99 9.41 -3.55
N ALA A 4 -4.27 9.63 -4.65
CA ALA A 4 -4.71 9.14 -5.96
C ALA A 4 -3.67 8.21 -6.56
N VAL A 5 -2.40 8.48 -6.28
CA VAL A 5 -1.31 7.66 -6.80
C VAL A 5 -1.22 6.33 -6.07
N TYR A 6 -2.17 5.45 -6.34
CA TYR A 6 -2.21 4.13 -5.71
C TYR A 6 -2.22 3.03 -6.75
N THR A 7 -1.34 2.03 -6.58
CA THR A 7 -1.25 0.92 -7.51
C THR A 7 -0.67 -0.32 -6.82
N CYS A 8 -1.52 -1.31 -6.58
CA CYS A 8 -1.09 -2.54 -5.93
C CYS A 8 -1.71 -3.76 -6.61
N ARG A 9 -1.10 -4.92 -6.40
CA ARG A 9 -1.60 -6.16 -7.00
C ARG A 9 -3.04 -6.43 -6.58
N PRO A 10 -3.73 -7.28 -7.36
CA PRO A 10 -5.13 -7.63 -7.09
C PRO A 10 -5.28 -8.49 -5.84
N GLY A 11 -6.03 -7.97 -4.86
CA GLY A 11 -6.24 -8.70 -3.63
C GLY A 11 -5.50 -8.09 -2.46
N GLN A 12 -4.39 -7.41 -2.75
CA GLN A 12 -3.59 -6.77 -1.72
C GLN A 12 -4.27 -5.50 -1.20
N THR A 13 -3.97 -5.15 0.05
CA THR A 13 -4.57 -3.96 0.65
C THR A 13 -3.49 -3.11 1.33
N CYS A 14 -3.60 -1.79 1.19
CA CYS A 14 -2.65 -0.87 1.77
C CYS A 14 -2.47 -1.15 3.26
N CYS A 15 -1.23 -1.42 3.66
CA CYS A 15 -0.92 -1.71 5.06
C CYS A 15 0.23 -0.85 5.55
N ARG A 16 0.69 -1.11 6.77
CA ARG A 16 1.80 -0.36 7.36
C ARG A 16 3.13 -1.01 7.01
N GLY A 17 4.19 -0.21 7.02
CA GLY A 17 5.51 -0.73 6.71
C GLY A 17 6.55 -0.30 7.73
N LEU A 18 7.57 -1.15 7.92
CA LEU A 18 8.63 -0.85 8.86
C LEU A 18 9.29 0.49 8.56
N HIS A 19 9.61 0.70 7.28
CA HIS A 19 10.24 1.95 6.85
C HIS A 19 9.18 3.01 6.53
N GLY A 20 8.04 2.56 6.02
CA GLY A 20 6.97 3.49 5.67
C GLY A 20 5.64 2.79 5.48
N TYR A 21 5.31 2.50 4.23
CA TYR A 21 4.05 1.84 3.92
C TYR A 21 4.23 0.85 2.76
N GLY A 22 3.19 0.06 2.50
CA GLY A 22 3.26 -0.92 1.43
C GLY A 22 1.92 -1.58 1.16
N CYS A 23 1.86 -2.40 0.12
CA CYS A 23 0.63 -3.09 -0.24
C CYS A 23 0.67 -4.54 0.23
N CYS A 24 -0.21 -4.88 1.17
CA CYS A 24 -0.27 -6.23 1.71
C CYS A 24 -1.30 -7.07 0.94
N CYS A 1 -4.41 4.73 -1.29
CA CYS A 1 -4.12 4.96 0.12
C CYS A 1 -2.99 5.98 0.29
N GLY A 2 -2.98 6.98 -0.60
CA GLY A 2 -1.96 8.00 -0.53
C GLY A 2 -2.05 8.99 -1.67
N ASP A 3 -1.18 9.99 -1.67
CA ASP A 3 -1.17 11.01 -2.71
C ASP A 3 -0.73 10.42 -4.04
N ALA A 4 0.27 9.55 -4.00
CA ALA A 4 0.79 8.92 -5.21
C ALA A 4 -0.27 8.02 -5.84
N VAL A 5 -0.16 7.83 -7.15
CA VAL A 5 -1.11 6.99 -7.89
C VAL A 5 -0.58 5.57 -8.06
N TYR A 6 0.22 5.12 -7.09
CA TYR A 6 0.79 3.78 -7.14
C TYR A 6 -0.29 2.73 -7.31
N THR A 7 0.13 1.50 -7.61
CA THR A 7 -0.80 0.40 -7.80
C THR A 7 -0.15 -0.94 -7.50
N CYS A 8 -0.54 -1.55 -6.38
CA CYS A 8 0.01 -2.84 -5.98
C CYS A 8 -0.69 -3.98 -6.70
N ARG A 9 -0.26 -5.21 -6.41
CA ARG A 9 -0.84 -6.39 -7.04
C ARG A 9 -2.35 -6.44 -6.83
N PRO A 10 -3.04 -7.22 -7.67
CA PRO A 10 -4.50 -7.37 -7.58
C PRO A 10 -4.93 -8.14 -6.35
N GLY A 11 -5.60 -7.45 -5.42
CA GLY A 11 -6.06 -8.09 -4.21
C GLY A 11 -5.29 -7.64 -2.99
N GLN A 12 -4.56 -6.54 -3.13
CA GLN A 12 -3.77 -6.01 -2.03
C GLN A 12 -4.58 -5.02 -1.19
N THR A 13 -4.06 -4.67 -0.02
CA THR A 13 -4.75 -3.74 0.87
C THR A 13 -3.75 -2.87 1.62
N CYS A 14 -4.17 -1.67 1.98
CA CYS A 14 -3.33 -0.73 2.72
C CYS A 14 -2.74 -1.40 3.96
N CYS A 15 -1.42 -1.57 3.98
CA CYS A 15 -0.75 -2.19 5.11
C CYS A 15 0.34 -1.27 5.65
N ARG A 16 0.80 -1.56 6.87
CA ARG A 16 1.85 -0.77 7.50
C ARG A 16 3.23 -1.32 7.18
N GLY A 17 4.13 -0.44 6.76
CA GLY A 17 5.48 -0.85 6.42
C GLY A 17 6.51 -0.31 7.38
N LEU A 18 7.71 -0.88 7.34
CA LEU A 18 8.79 -0.46 8.23
C LEU A 18 9.36 0.89 7.78
N HIS A 19 9.69 0.98 6.50
CA HIS A 19 10.24 2.22 5.95
C HIS A 19 9.15 3.26 5.75
N GLY A 20 7.95 2.80 5.42
CA GLY A 20 6.84 3.71 5.20
C GLY A 20 5.51 3.00 5.16
N TYR A 21 5.09 2.58 3.98
CA TYR A 21 3.82 1.89 3.81
C TYR A 21 3.97 0.71 2.85
N GLY A 22 3.24 -0.36 3.12
CA GLY A 22 3.29 -1.54 2.28
C GLY A 22 1.92 -2.10 1.96
N CYS A 23 1.87 -3.06 1.03
CA CYS A 23 0.62 -3.67 0.64
C CYS A 23 0.51 -5.10 1.18
N CYS A 24 -0.59 -5.39 1.86
CA CYS A 24 -0.81 -6.72 2.43
C CYS A 24 -1.92 -7.45 1.69
N CYS A 1 -5.50 3.02 1.72
CA CYS A 1 -4.83 4.30 1.67
C CYS A 1 -5.49 5.22 0.63
N GLY A 2 -6.13 6.27 1.11
CA GLY A 2 -6.79 7.22 0.22
C GLY A 2 -5.85 8.30 -0.28
N ASP A 3 -5.18 8.96 0.66
CA ASP A 3 -4.25 10.03 0.32
C ASP A 3 -3.25 9.57 -0.74
N ALA A 4 -2.81 8.32 -0.62
CA ALA A 4 -1.85 7.75 -1.57
C ALA A 4 -2.40 7.79 -2.98
N VAL A 5 -1.50 7.73 -3.96
CA VAL A 5 -1.88 7.76 -5.37
C VAL A 5 -1.34 6.56 -6.11
N TYR A 6 -1.20 5.45 -5.40
CA TYR A 6 -0.68 4.21 -5.99
C TYR A 6 -1.68 3.07 -5.85
N THR A 7 -1.40 1.96 -6.52
CA THR A 7 -2.28 0.79 -6.46
C THR A 7 -1.49 -0.49 -6.69
N CYS A 8 -1.31 -1.27 -5.63
CA CYS A 8 -0.59 -2.53 -5.72
C CYS A 8 -1.37 -3.57 -6.51
N ARG A 9 -0.84 -4.78 -6.58
CA ARG A 9 -1.49 -5.86 -7.30
C ARG A 9 -2.95 -6.02 -6.85
N PRO A 10 -3.76 -6.67 -7.70
CA PRO A 10 -5.17 -6.91 -7.41
C PRO A 10 -5.38 -7.90 -6.27
N GLY A 11 -5.90 -7.42 -5.15
CA GLY A 11 -6.14 -8.28 -4.01
C GLY A 11 -5.20 -7.98 -2.86
N GLN A 12 -4.53 -6.83 -2.91
CA GLN A 12 -3.61 -6.43 -1.86
C GLN A 12 -4.07 -5.16 -1.17
N THR A 13 -4.00 -5.14 0.16
CA THR A 13 -4.42 -3.98 0.93
C THR A 13 -3.23 -3.13 1.33
N CYS A 14 -3.50 -1.88 1.69
CA CYS A 14 -2.45 -0.95 2.09
C CYS A 14 -2.18 -1.03 3.59
N CYS A 15 -1.06 -1.64 3.95
CA CYS A 15 -0.69 -1.79 5.35
C CYS A 15 0.48 -0.88 5.70
N ARG A 16 0.71 -0.70 7.00
CA ARG A 16 1.80 0.15 7.47
C ARG A 16 3.06 -0.67 7.74
N GLY A 17 4.18 -0.24 7.18
CA GLY A 17 5.43 -0.94 7.36
C GLY A 17 6.42 -0.15 8.19
N LEU A 18 7.65 -0.65 8.28
CA LEU A 18 8.69 0.02 9.05
C LEU A 18 9.20 1.26 8.32
N HIS A 19 9.53 1.10 7.04
CA HIS A 19 10.02 2.20 6.22
C HIS A 19 8.87 2.99 5.63
N GLY A 20 7.77 2.30 5.31
CA GLY A 20 6.62 2.95 4.73
C GLY A 20 5.50 1.98 4.42
N TYR A 21 4.43 2.49 3.82
CA TYR A 21 3.28 1.66 3.46
C TYR A 21 3.72 0.45 2.64
N GLY A 22 3.00 -0.65 2.79
CA GLY A 22 3.33 -1.86 2.06
C GLY A 22 2.10 -2.54 1.48
N CYS A 23 2.32 -3.40 0.48
CA CYS A 23 1.23 -4.10 -0.16
C CYS A 23 0.92 -5.41 0.56
N CYS A 24 0.01 -5.35 1.52
CA CYS A 24 -0.38 -6.53 2.29
C CYS A 24 -1.58 -7.22 1.65
N CYS A 1 -2.82 3.65 3.10
CA CYS A 1 -3.80 4.43 2.37
C CYS A 1 -3.73 5.90 2.77
N GLY A 2 -3.48 6.76 1.79
CA GLY A 2 -3.38 8.19 2.07
C GLY A 2 -3.64 9.03 0.83
N ASP A 3 -2.85 10.09 0.66
CA ASP A 3 -3.00 10.98 -0.48
C ASP A 3 -2.55 10.28 -1.76
N ALA A 4 -1.48 9.51 -1.67
CA ALA A 4 -0.96 8.79 -2.83
C ALA A 4 -2.03 7.96 -3.50
N VAL A 5 -1.84 7.65 -4.78
CA VAL A 5 -2.80 6.87 -5.54
C VAL A 5 -2.15 5.61 -6.10
N TYR A 6 -1.16 5.08 -5.38
CA TYR A 6 -0.47 3.88 -5.80
C TYR A 6 -1.44 2.75 -6.09
N THR A 7 -0.94 1.67 -6.68
CA THR A 7 -1.77 0.51 -7.01
C THR A 7 -0.95 -0.76 -7.05
N CYS A 8 -1.16 -1.63 -6.06
CA CYS A 8 -0.43 -2.90 -5.98
C CYS A 8 -1.19 -4.00 -6.70
N ARG A 9 -0.65 -5.22 -6.63
CA ARG A 9 -1.29 -6.36 -7.26
C ARG A 9 -2.75 -6.49 -6.85
N PRO A 10 -3.54 -7.20 -7.66
CA PRO A 10 -4.97 -7.41 -7.40
C PRO A 10 -5.21 -8.32 -6.21
N GLY A 11 -5.85 -7.78 -5.17
CA GLY A 11 -6.13 -8.56 -3.98
C GLY A 11 -5.25 -8.16 -2.81
N GLN A 12 -4.60 -7.01 -2.92
CA GLN A 12 -3.73 -6.52 -1.86
C GLN A 12 -4.26 -5.22 -1.26
N THR A 13 -4.16 -5.10 0.06
CA THR A 13 -4.64 -3.91 0.75
C THR A 13 -3.48 -3.08 1.29
N CYS A 14 -3.74 -1.80 1.56
CA CYS A 14 -2.71 -0.91 2.08
C CYS A 14 -2.38 -1.24 3.53
N CYS A 15 -1.09 -1.38 3.83
CA CYS A 15 -0.65 -1.69 5.18
C CYS A 15 0.59 -0.89 5.54
N ARG A 16 0.82 -0.71 6.84
CA ARG A 16 1.97 0.04 7.32
C ARG A 16 3.21 -0.85 7.35
N GLY A 17 4.23 -0.44 6.61
CA GLY A 17 5.47 -1.21 6.58
C GLY A 17 6.56 -0.60 7.43
N LEU A 18 7.59 -1.38 7.73
CA LEU A 18 8.70 -0.91 8.54
C LEU A 18 9.29 0.38 7.97
N HIS A 19 9.41 0.43 6.65
CA HIS A 19 9.95 1.61 5.98
C HIS A 19 8.95 2.76 6.02
N GLY A 20 7.67 2.44 5.97
CA GLY A 20 6.65 3.46 6.01
C GLY A 20 5.28 2.93 5.58
N TYR A 21 5.07 2.84 4.28
CA TYR A 21 3.80 2.36 3.74
C TYR A 21 4.03 1.26 2.71
N GLY A 22 3.02 0.41 2.53
CA GLY A 22 3.13 -0.68 1.57
C GLY A 22 1.83 -1.41 1.36
N CYS A 23 1.90 -2.60 0.79
CA CYS A 23 0.71 -3.41 0.54
C CYS A 23 0.85 -4.80 1.15
N CYS A 24 -0.20 -5.26 1.81
CA CYS A 24 -0.21 -6.57 2.44
C CYS A 24 -1.35 -7.43 1.92
N CYS A 1 -4.24 4.19 -2.21
CA CYS A 1 -5.63 4.02 -1.82
C CYS A 1 -6.37 5.36 -1.86
N GLY A 2 -6.06 6.17 -2.88
CA GLY A 2 -6.71 7.46 -3.02
C GLY A 2 -5.75 8.53 -3.53
N ASP A 3 -5.30 9.39 -2.64
CA ASP A 3 -4.38 10.46 -3.00
C ASP A 3 -3.18 9.91 -3.77
N ALA A 4 -2.74 8.72 -3.38
CA ALA A 4 -1.60 8.08 -4.03
C ALA A 4 -1.82 7.95 -5.53
N VAL A 5 -0.82 7.42 -6.23
CA VAL A 5 -0.91 7.25 -7.68
C VAL A 5 -0.25 5.95 -8.11
N TYR A 6 -0.37 4.92 -7.28
CA TYR A 6 0.22 3.62 -7.57
C TYR A 6 -0.83 2.51 -7.54
N THR A 7 -0.45 1.32 -7.99
CA THR A 7 -1.37 0.19 -8.01
C THR A 7 -0.62 -1.12 -7.78
N CYS A 8 -0.80 -1.70 -6.60
CA CYS A 8 -0.13 -2.96 -6.27
C CYS A 8 -0.90 -4.15 -6.84
N ARG A 9 -0.44 -5.36 -6.52
CA ARG A 9 -1.08 -6.57 -7.00
C ARG A 9 -2.57 -6.55 -6.72
N PRO A 10 -3.34 -7.29 -7.53
CA PRO A 10 -4.81 -7.37 -7.38
C PRO A 10 -5.21 -8.15 -6.13
N GLY A 11 -6.03 -7.52 -5.28
CA GLY A 11 -6.47 -8.17 -4.07
C GLY A 11 -5.60 -7.83 -2.88
N GLN A 12 -4.79 -6.79 -3.01
CA GLN A 12 -3.91 -6.36 -1.94
C GLN A 12 -4.60 -5.34 -1.03
N THR A 13 -3.99 -5.07 0.11
CA THR A 13 -4.54 -4.11 1.06
C THR A 13 -3.51 -3.08 1.49
N CYS A 14 -3.96 -1.86 1.75
CA CYS A 14 -3.07 -0.79 2.15
C CYS A 14 -2.62 -0.97 3.61
N CYS A 15 -1.40 -1.43 3.80
CA CYS A 15 -0.87 -1.66 5.13
C CYS A 15 0.41 -0.84 5.35
N ARG A 16 0.84 -0.74 6.61
CA ARG A 16 2.05 0.01 6.94
C ARG A 16 3.26 -0.92 7.00
N GLY A 17 4.43 -0.36 6.74
CA GLY A 17 5.66 -1.15 6.77
C GLY A 17 6.75 -0.49 7.58
N LEU A 18 7.85 -1.21 7.79
CA LEU A 18 8.98 -0.68 8.55
C LEU A 18 9.42 0.67 8.00
N HIS A 19 9.53 0.75 6.67
CA HIS A 19 9.94 1.99 6.02
C HIS A 19 8.83 3.03 6.08
N GLY A 20 7.59 2.58 6.03
CA GLY A 20 6.46 3.49 6.08
C GLY A 20 5.17 2.84 5.66
N TYR A 21 4.98 2.67 4.35
CA TYR A 21 3.77 2.06 3.82
C TYR A 21 4.11 0.79 3.04
N GLY A 22 3.07 0.06 2.63
CA GLY A 22 3.28 -1.16 1.88
C GLY A 22 1.97 -1.85 1.53
N CYS A 23 2.04 -2.81 0.61
CA CYS A 23 0.85 -3.54 0.18
C CYS A 23 0.89 -4.97 0.72
N CYS A 24 -0.10 -5.32 1.54
CA CYS A 24 -0.19 -6.65 2.12
C CYS A 24 -1.25 -7.49 1.40
N CYS A 1 -4.36 5.47 3.46
CA CYS A 1 -3.28 5.24 2.51
C CYS A 1 -3.48 6.09 1.26
N GLY A 2 -3.13 7.36 1.35
CA GLY A 2 -3.27 8.26 0.22
C GLY A 2 -2.20 9.34 0.19
N ASP A 3 -1.03 9.01 0.72
CA ASP A 3 0.08 9.95 0.75
C ASP A 3 0.88 9.89 -0.55
N ALA A 4 1.11 8.68 -1.04
CA ALA A 4 1.86 8.48 -2.27
C ALA A 4 0.93 8.35 -3.47
N VAL A 5 -0.26 7.83 -3.22
CA VAL A 5 -1.25 7.64 -4.28
C VAL A 5 -0.77 6.62 -5.31
N TYR A 6 -0.77 5.35 -4.90
CA TYR A 6 -0.33 4.27 -5.79
C TYR A 6 -1.44 3.23 -5.96
N THR A 7 -1.23 2.30 -6.88
CA THR A 7 -2.20 1.25 -7.14
C THR A 7 -1.52 -0.10 -7.30
N CYS A 8 -1.68 -0.96 -6.28
CA CYS A 8 -1.07 -2.29 -6.31
C CYS A 8 -1.97 -3.28 -7.04
N ARG A 9 -1.57 -4.55 -7.05
CA ARG A 9 -2.34 -5.59 -7.71
C ARG A 9 -3.67 -5.83 -7.00
N PRO A 10 -4.64 -6.37 -7.74
CA PRO A 10 -5.98 -6.66 -7.20
C PRO A 10 -5.96 -7.80 -6.20
N GLY A 11 -6.55 -7.57 -5.02
CA GLY A 11 -6.59 -8.60 -4.00
C GLY A 11 -5.72 -8.26 -2.80
N GLN A 12 -4.69 -7.46 -3.04
CA GLN A 12 -3.78 -7.06 -1.96
C GLN A 12 -4.39 -5.96 -1.11
N THR A 13 -3.73 -5.63 -0.01
CA THR A 13 -4.21 -4.59 0.89
C THR A 13 -3.07 -3.71 1.39
N CYS A 14 -3.35 -2.44 1.61
CA CYS A 14 -2.34 -1.50 2.09
C CYS A 14 -1.90 -1.86 3.51
N CYS A 15 -0.59 -1.96 3.71
CA CYS A 15 -0.04 -2.30 5.02
C CYS A 15 0.88 -1.19 5.51
N ARG A 16 0.64 -0.74 6.74
CA ARG A 16 1.45 0.32 7.33
C ARG A 16 2.57 -0.26 8.18
N GLY A 17 3.81 -0.08 7.74
CA GLY A 17 4.95 -0.60 8.47
C GLY A 17 6.04 0.44 8.64
N LEU A 18 6.89 0.24 9.64
CA LEU A 18 7.98 1.16 9.92
C LEU A 18 8.81 1.42 8.66
N HIS A 19 8.87 0.41 7.79
CA HIS A 19 9.63 0.52 6.55
C HIS A 19 9.18 1.74 5.74
N GLY A 20 7.89 2.05 5.83
CA GLY A 20 7.35 3.19 5.11
C GLY A 20 5.95 2.93 4.58
N TYR A 21 5.85 2.54 3.32
CA TYR A 21 4.56 2.26 2.70
C TYR A 21 4.66 1.11 1.71
N GLY A 22 3.71 0.20 1.77
CA GLY A 22 3.70 -0.95 0.87
C GLY A 22 2.39 -1.71 0.90
N CYS A 23 2.30 -2.74 0.07
CA CYS A 23 1.09 -3.55 0.01
C CYS A 23 1.36 -4.96 0.53
N CYS A 24 0.51 -5.42 1.45
CA CYS A 24 0.65 -6.74 2.03
C CYS A 24 -0.70 -7.45 2.11
N CYS A 1 -3.90 5.20 2.25
CA CYS A 1 -3.23 5.27 0.96
C CYS A 1 -4.12 5.96 -0.08
N GLY A 2 -3.77 7.19 -0.43
CA GLY A 2 -4.55 7.94 -1.40
C GLY A 2 -3.70 8.92 -2.18
N ASP A 3 -2.98 9.79 -1.47
CA ASP A 3 -2.13 10.78 -2.11
C ASP A 3 -1.19 10.12 -3.11
N ALA A 4 -0.74 8.92 -2.79
CA ALA A 4 0.17 8.18 -3.67
C ALA A 4 -0.38 8.12 -5.09
N VAL A 5 0.45 7.66 -6.02
CA VAL A 5 0.05 7.54 -7.41
C VAL A 5 0.47 6.20 -8.00
N TYR A 6 0.43 5.17 -7.18
CA TYR A 6 0.81 3.82 -7.61
C TYR A 6 -0.32 2.83 -7.36
N THR A 7 -0.17 1.62 -7.89
CA THR A 7 -1.17 0.57 -7.72
C THR A 7 -0.52 -0.80 -7.60
N CYS A 8 -0.54 -1.36 -6.41
CA CYS A 8 0.05 -2.67 -6.16
C CYS A 8 -0.82 -3.77 -6.77
N ARG A 9 -0.41 -5.02 -6.53
CA ARG A 9 -1.15 -6.16 -7.06
C ARG A 9 -2.63 -6.06 -6.73
N PRO A 10 -3.47 -6.70 -7.56
CA PRO A 10 -4.93 -6.70 -7.36
C PRO A 10 -5.35 -7.51 -6.14
N GLY A 11 -6.22 -6.92 -5.31
CA GLY A 11 -6.68 -7.62 -4.12
C GLY A 11 -5.73 -7.45 -2.95
N GLN A 12 -4.82 -6.49 -3.05
CA GLN A 12 -3.86 -6.23 -1.99
C GLN A 12 -4.39 -5.19 -1.01
N THR A 13 -3.95 -5.28 0.24
CA THR A 13 -4.39 -4.35 1.28
C THR A 13 -3.26 -3.41 1.68
N CYS A 14 -3.62 -2.18 2.03
CA CYS A 14 -2.63 -1.18 2.43
C CYS A 14 -2.21 -1.39 3.88
N CYS A 15 -1.06 -2.01 4.07
CA CYS A 15 -0.53 -2.28 5.41
C CYS A 15 0.66 -1.37 5.71
N ARG A 16 0.59 -0.68 6.85
CA ARG A 16 1.67 0.22 7.25
C ARG A 16 3.01 -0.51 7.26
N GLY A 17 4.08 0.24 7.03
CA GLY A 17 5.41 -0.34 6.99
C GLY A 17 6.39 0.41 7.88
N LEU A 18 7.41 -0.30 8.35
CA LEU A 18 8.42 0.30 9.21
C LEU A 18 9.16 1.42 8.48
N HIS A 19 9.39 1.22 7.19
CA HIS A 19 10.10 2.21 6.37
C HIS A 19 9.11 3.16 5.70
N GLY A 20 7.94 2.64 5.34
CA GLY A 20 6.93 3.44 4.70
C GLY A 20 5.58 2.77 4.67
N TYR A 21 5.25 2.15 3.54
CA TYR A 21 3.97 1.45 3.38
C TYR A 21 4.19 0.01 2.95
N GLY A 22 3.08 -0.69 2.71
CA GLY A 22 3.16 -2.08 2.28
C GLY A 22 1.89 -2.55 1.60
N CYS A 23 2.02 -3.57 0.76
CA CYS A 23 0.88 -4.12 0.04
C CYS A 23 0.70 -5.60 0.33
N CYS A 24 -0.17 -5.90 1.28
CA CYS A 24 -0.43 -7.29 1.67
C CYS A 24 -1.21 -8.02 0.59
N CYS A 1 -3.59 4.83 -0.56
CA CYS A 1 -2.63 5.32 0.40
C CYS A 1 -1.28 5.59 -0.27
N GLY A 2 -0.55 6.58 0.25
CA GLY A 2 0.75 6.91 -0.31
C GLY A 2 0.68 8.07 -1.29
N ASP A 3 1.76 8.83 -1.37
CA ASP A 3 1.82 9.98 -2.27
C ASP A 3 2.26 9.54 -3.67
N ALA A 4 3.23 8.65 -3.73
CA ALA A 4 3.74 8.15 -5.00
C ALA A 4 2.64 7.42 -5.78
N VAL A 5 2.87 7.24 -7.08
CA VAL A 5 1.90 6.56 -7.92
C VAL A 5 2.24 5.08 -8.07
N TYR A 6 2.83 4.51 -7.03
CA TYR A 6 3.22 3.10 -7.04
C TYR A 6 2.01 2.22 -7.32
N THR A 7 2.26 0.93 -7.53
CA THR A 7 1.19 -0.03 -7.82
C THR A 7 1.58 -1.43 -7.35
N CYS A 8 0.96 -1.89 -6.28
CA CYS A 8 1.22 -3.21 -5.74
C CYS A 8 0.33 -4.27 -6.39
N ARG A 9 0.49 -5.51 -5.97
CA ARG A 9 -0.30 -6.60 -6.51
C ARG A 9 -1.79 -6.29 -6.44
N PRO A 10 -2.56 -6.91 -7.35
CA PRO A 10 -4.01 -6.71 -7.41
C PRO A 10 -4.74 -7.31 -6.22
N GLY A 11 -5.68 -6.56 -5.66
CA GLY A 11 -6.43 -7.04 -4.51
C GLY A 11 -5.67 -6.89 -3.21
N GLN A 12 -4.61 -6.09 -3.24
CA GLN A 12 -3.79 -5.87 -2.05
C GLN A 12 -4.33 -4.70 -1.22
N THR A 13 -4.21 -4.81 0.09
CA THR A 13 -4.69 -3.76 0.99
C THR A 13 -3.52 -3.02 1.63
N CYS A 14 -3.75 -1.75 1.98
CA CYS A 14 -2.73 -0.94 2.61
C CYS A 14 -2.41 -1.44 4.01
N CYS A 15 -1.12 -1.58 4.32
CA CYS A 15 -0.69 -2.06 5.62
C CYS A 15 0.48 -1.21 6.15
N ARG A 16 0.84 -1.44 7.41
CA ARG A 16 1.93 -0.70 8.03
C ARG A 16 3.28 -1.19 7.53
N GLY A 17 4.08 -0.27 6.98
CA GLY A 17 5.39 -0.63 6.48
C GLY A 17 6.52 -0.05 7.30
N LEU A 18 7.73 -0.58 7.11
CA LEU A 18 8.88 -0.10 7.85
C LEU A 18 9.37 1.24 7.31
N HIS A 19 9.38 1.37 5.98
CA HIS A 19 9.82 2.59 5.34
C HIS A 19 8.64 3.52 5.07
N GLY A 20 7.49 2.92 4.78
CA GLY A 20 6.30 3.71 4.50
C GLY A 20 5.02 2.92 4.70
N TYR A 21 4.66 2.12 3.70
CA TYR A 21 3.45 1.31 3.78
C TYR A 21 3.64 -0.03 3.09
N GLY A 22 2.98 -1.06 3.60
CA GLY A 22 3.09 -2.39 3.02
C GLY A 22 1.87 -2.78 2.23
N CYS A 23 1.98 -3.87 1.47
CA CYS A 23 0.88 -4.34 0.65
C CYS A 23 0.50 -5.78 1.02
N CYS A 24 -0.65 -5.92 1.66
CA CYS A 24 -1.12 -7.24 2.07
C CYS A 24 -2.05 -7.85 1.02
#